data_3SKC
#
_entry.id   3SKC
#
_cell.length_a   107.900
_cell.length_b   107.900
_cell.length_c   151.470
_cell.angle_alpha   90.00
_cell.angle_beta   90.00
_cell.angle_gamma   90.00
#
_symmetry.space_group_name_H-M   'P 41 21 2'
#
loop_
_entity.id
_entity.type
_entity.pdbx_description
1 polymer 'Serine/threonine-protein kinase B-raf'
2 non-polymer 2,6-difluoro-N-[(5S)-3-methoxy-5H-pyrazolo[3,4-b]pyridin-5-yl]-3-[(phenylsulfonyl)amino]benzamide
#
_entity_poly.entity_id   1
_entity_poly.type   'polypeptide(L)'
_entity_poly.pdbx_seq_one_letter_code
;MDRGSHHHHHHGSEDRNRMKTLGRRDSSDDWEIPDGQITVGQRIGSGSFGTVYKGKWHGDVAVKMLNVTAPTPQQLQAFK
NEVGVLRKTRHVNILLFMGYSTKPQLAIVTQWCEGSSLYHHLHIIETKFEMIKLIDIARQTAQGMDYLHAKSIIHRDLKS
NNIFLHEDLTVKIGDFGLATVKSRWSGSHQFEQLSGSILWMAPEVIRMQDKNPYSFQSDVYAFGIVLYELMTGQLPYSNI
NNRDQIIFMVGRGYLSPDLSKVRSNCPKAMKRLMAECLKKKRDERPLFPQILASIELLARSLPKIHR
;
_entity_poly.pdbx_strand_id   A,B
#
# COMPACT_ATOMS: atom_id res chain seq x y z
N ASP A 29 -2.56 17.76 4.58
CA ASP A 29 -3.85 17.00 4.53
C ASP A 29 -4.45 16.95 3.13
N ASP A 30 -5.55 17.70 2.93
CA ASP A 30 -6.41 17.62 1.76
C ASP A 30 -5.65 17.30 0.46
N TRP A 31 -6.31 16.55 -0.42
CA TRP A 31 -5.60 15.80 -1.45
C TRP A 31 -5.65 16.42 -2.83
N GLU A 32 -6.03 17.69 -2.90
CA GLU A 32 -6.10 18.38 -4.18
C GLU A 32 -4.69 18.54 -4.74
N ILE A 33 -4.45 17.99 -5.92
CA ILE A 33 -3.15 18.15 -6.56
C ILE A 33 -3.15 19.36 -7.48
N PRO A 34 -2.29 20.36 -7.18
CA PRO A 34 -2.18 21.59 -7.95
C PRO A 34 -1.74 21.35 -9.38
N ASP A 35 -2.17 22.24 -10.26
CA ASP A 35 -1.91 22.12 -11.69
C ASP A 35 -0.45 21.78 -11.96
N GLY A 36 -0.19 21.15 -13.09
CA GLY A 36 1.16 21.05 -13.60
C GLY A 36 2.11 20.15 -12.83
N GLN A 37 1.73 19.70 -11.64
CA GLN A 37 2.53 18.70 -10.91
C GLN A 37 2.43 17.30 -11.54
N ILE A 38 1.21 16.90 -11.90
CA ILE A 38 1.03 15.62 -12.55
C ILE A 38 1.46 15.72 -14.01
N THR A 39 1.79 14.59 -14.61
CA THR A 39 2.24 14.58 -15.99
C THR A 39 1.58 13.41 -16.69
N VAL A 40 0.47 13.69 -17.36
CA VAL A 40 -0.26 12.64 -18.04
C VAL A 40 0.53 12.10 -19.23
N GLY A 41 0.45 10.79 -19.45
CA GLY A 41 1.17 10.18 -20.56
C GLY A 41 0.34 9.21 -21.37
N GLN A 42 0.89 8.02 -21.57
CA GLN A 42 0.29 6.98 -22.42
C GLN A 42 -1.16 6.72 -22.01
N ARG A 43 -2.02 6.53 -23.00
CA ARG A 43 -3.47 6.41 -22.76
C ARG A 43 -3.88 4.93 -22.66
N ILE A 44 -4.80 4.62 -21.75
CA ILE A 44 -5.33 3.26 -21.68
C ILE A 44 -6.84 3.17 -21.53
N GLY A 45 -7.38 4.01 -20.65
CA GLY A 45 -8.77 3.86 -20.26
C GLY A 45 -9.70 4.56 -21.23
N SER A 46 -10.72 3.85 -21.68
CA SER A 46 -11.69 4.43 -22.60
C SER A 46 -13.02 4.63 -21.88
N GLY A 47 -14.06 4.91 -22.67
CA GLY A 47 -15.42 4.78 -22.20
C GLY A 47 -16.02 6.01 -21.52
N SER A 48 -17.07 5.77 -20.75
CA SER A 48 -17.70 6.83 -19.96
C SER A 48 -17.04 6.89 -18.59
N PHE A 49 -17.68 7.60 -17.67
CA PHE A 49 -17.11 7.99 -16.37
C PHE A 49 -15.64 8.43 -16.43
N GLY A 50 -15.09 8.56 -17.65
CA GLY A 50 -13.74 9.08 -17.82
C GLY A 50 -12.73 8.25 -18.62
N THR A 51 -11.56 8.85 -18.85
CA THR A 51 -10.47 8.19 -19.57
C THR A 51 -9.26 8.05 -18.64
N VAL A 52 -8.55 6.92 -18.74
CA VAL A 52 -7.44 6.62 -17.84
C VAL A 52 -6.06 6.62 -18.50
N TYR A 53 -5.16 7.45 -17.97
CA TYR A 53 -3.79 7.57 -18.49
C TYR A 53 -2.75 7.13 -17.45
N LYS A 54 -1.67 6.51 -17.93
CA LYS A 54 -0.49 6.29 -17.08
C LYS A 54 0.30 7.59 -16.99
N GLY A 55 0.53 8.05 -15.78
CA GLY A 55 1.16 9.34 -15.61
C GLY A 55 2.29 9.30 -14.60
N LYS A 56 2.79 10.46 -14.24
CA LYS A 56 3.82 10.55 -13.22
C LYS A 56 3.54 11.68 -12.26
N TRP A 57 3.47 11.33 -10.99
CA TRP A 57 3.42 12.29 -9.90
C TRP A 57 3.97 11.58 -8.66
N HIS A 58 5.22 11.88 -8.31
CA HIS A 58 5.95 11.17 -7.27
C HIS A 58 6.04 9.69 -7.60
N GLY A 59 6.30 9.41 -8.87
CA GLY A 59 6.36 8.03 -9.34
C GLY A 59 5.26 7.76 -10.34
N ASP A 60 5.34 6.59 -10.97
CA ASP A 60 4.27 6.16 -11.85
C ASP A 60 2.96 6.23 -11.07
N VAL A 61 1.94 6.82 -11.69
CA VAL A 61 0.59 6.85 -11.15
C VAL A 61 -0.38 6.54 -12.26
N ALA A 62 -1.63 6.24 -11.90
CA ALA A 62 -2.71 6.20 -12.88
C ALA A 62 -3.50 7.49 -12.70
N VAL A 63 -3.90 8.09 -13.82
CA VAL A 63 -4.79 9.24 -13.75
C VAL A 63 -6.05 8.99 -14.56
N LYS A 64 -7.20 9.14 -13.90
CA LYS A 64 -8.47 9.00 -14.59
C LYS A 64 -9.08 10.38 -14.70
N MET A 65 -9.23 10.84 -15.94
CA MET A 65 -9.84 12.15 -16.19
C MET A 65 -11.32 12.02 -16.59
N LEU A 66 -12.19 12.53 -15.73
CA LEU A 66 -13.64 12.42 -15.92
C LEU A 66 -14.11 13.01 -17.25
N ASN A 67 -13.24 13.78 -17.90
CA ASN A 67 -13.59 14.57 -19.08
C ASN A 67 -15.06 15.03 -19.16
N VAL A 68 -15.44 15.88 -18.20
CA VAL A 68 -16.79 16.43 -18.17
C VAL A 68 -16.75 17.88 -18.63
N THR A 69 -15.88 18.16 -19.60
CA THR A 69 -15.77 19.47 -20.23
C THR A 69 -15.98 20.65 -19.26
N ALA A 70 -15.27 20.62 -18.15
CA ALA A 70 -15.31 21.72 -17.17
C ALA A 70 -16.69 21.89 -16.54
N PRO A 71 -16.87 21.36 -15.33
CA PRO A 71 -18.07 21.70 -14.55
C PRO A 71 -18.08 23.21 -14.36
N THR A 72 -19.21 23.85 -14.06
CA THR A 72 -20.54 23.28 -13.77
C THR A 72 -20.77 23.01 -12.29
N PRO A 73 -20.31 23.93 -11.42
CA PRO A 73 -20.72 23.78 -10.02
C PRO A 73 -22.24 23.75 -9.92
N GLN A 74 -22.73 23.04 -8.92
CA GLN A 74 -21.84 22.23 -8.13
C GLN A 74 -21.98 20.77 -8.58
N GLN A 75 -21.55 20.52 -9.81
CA GLN A 75 -21.01 19.21 -10.16
C GLN A 75 -19.66 19.11 -9.47
N LEU A 76 -18.90 20.21 -9.57
CA LEU A 76 -17.60 20.34 -8.93
C LEU A 76 -17.70 19.93 -7.46
N GLN A 77 -18.90 20.03 -6.89
CA GLN A 77 -19.14 19.67 -5.50
C GLN A 77 -19.62 18.21 -5.37
N ALA A 78 -20.26 17.70 -6.42
CA ALA A 78 -20.64 16.30 -6.44
C ALA A 78 -19.40 15.43 -6.61
N PHE A 79 -18.44 15.93 -7.36
CA PHE A 79 -17.16 15.25 -7.56
C PHE A 79 -16.40 15.14 -6.25
N LYS A 80 -16.27 16.28 -5.57
CA LYS A 80 -15.56 16.34 -4.29
C LYS A 80 -16.18 15.35 -3.30
N ASN A 81 -17.47 15.07 -3.48
CA ASN A 81 -18.16 14.19 -2.56
C ASN A 81 -17.81 12.73 -2.82
N GLU A 82 -17.41 12.42 -4.04
CA GLU A 82 -16.96 11.08 -4.38
C GLU A 82 -15.55 10.84 -3.87
N VAL A 83 -14.69 11.84 -4.04
CA VAL A 83 -13.36 11.80 -3.49
C VAL A 83 -13.43 11.65 -1.97
N GLY A 84 -14.52 12.10 -1.38
CA GLY A 84 -14.69 11.91 0.06
C GLY A 84 -14.83 10.44 0.39
N VAL A 85 -15.46 9.69 -0.51
CA VAL A 85 -15.61 8.28 -0.30
C VAL A 85 -14.29 7.52 -0.45
N LEU A 86 -13.57 7.82 -1.53
CA LEU A 86 -12.26 7.20 -1.79
C LEU A 86 -11.32 7.35 -0.59
N ARG A 87 -11.26 8.56 -0.04
CA ARG A 87 -10.33 8.84 1.04
C ARG A 87 -10.69 8.14 2.35
N LYS A 88 -11.81 7.43 2.39
CA LYS A 88 -12.15 6.61 3.55
C LYS A 88 -11.50 5.24 3.47
N THR A 89 -10.81 4.98 2.36
CA THR A 89 -10.21 3.67 2.12
C THR A 89 -8.70 3.65 2.34
N ARG A 90 -8.25 2.71 3.14
CA ARG A 90 -6.83 2.50 3.37
C ARG A 90 -6.63 1.04 3.71
N HIS A 91 -6.42 0.24 2.67
CA HIS A 91 -6.33 -1.20 2.81
C HIS A 91 -5.64 -1.80 1.59
N VAL A 92 -4.68 -2.67 1.86
CA VAL A 92 -3.83 -3.22 0.83
C VAL A 92 -4.62 -3.78 -0.35
N ASN A 93 -5.83 -4.25 -0.07
CA ASN A 93 -6.65 -4.85 -1.12
C ASN A 93 -7.58 -3.87 -1.84
N ILE A 94 -7.64 -2.62 -1.36
CA ILE A 94 -8.36 -1.57 -2.06
C ILE A 94 -7.36 -0.66 -2.77
N LEU A 95 -7.54 -0.49 -4.09
CA LEU A 95 -6.69 0.39 -4.91
C LEU A 95 -6.35 1.68 -4.18
N LEU A 96 -5.07 2.06 -4.20
CA LEU A 96 -4.61 3.19 -3.41
C LEU A 96 -5.00 4.54 -4.02
N PHE A 97 -5.87 5.26 -3.34
CA PHE A 97 -6.18 6.61 -3.77
C PHE A 97 -5.01 7.47 -3.34
N MET A 98 -4.41 8.18 -4.27
CA MET A 98 -3.31 9.09 -3.95
C MET A 98 -3.68 10.58 -3.97
N GLY A 99 -4.77 10.92 -4.65
CA GLY A 99 -5.26 12.29 -4.68
C GLY A 99 -6.05 12.61 -5.92
N TYR A 100 -6.67 13.79 -5.96
CA TYR A 100 -7.50 14.21 -7.09
C TYR A 100 -7.11 15.59 -7.60
N SER A 101 -7.39 15.81 -8.89
CA SER A 101 -7.12 17.10 -9.52
C SER A 101 -8.44 17.77 -9.91
N THR A 102 -8.48 19.08 -9.82
CA THR A 102 -9.59 19.84 -10.40
C THR A 102 -9.07 20.81 -11.46
N LYS A 103 -7.79 21.19 -11.36
CA LYS A 103 -7.21 22.21 -12.20
C LYS A 103 -7.39 21.94 -13.70
N PRO A 104 -6.49 21.17 -14.33
CA PRO A 104 -6.76 21.06 -15.78
C PRO A 104 -8.15 20.46 -16.09
N GLN A 105 -8.39 19.22 -15.70
CA GLN A 105 -9.75 18.66 -15.70
C GLN A 105 -10.01 18.15 -14.31
N LEU A 106 -11.25 17.73 -14.04
CA LEU A 106 -11.50 16.86 -12.90
C LEU A 106 -10.73 15.58 -13.15
N ALA A 107 -10.03 15.08 -12.12
CA ALA A 107 -9.26 13.85 -12.27
C ALA A 107 -8.96 13.15 -10.94
N ILE A 108 -8.86 11.83 -11.00
CA ILE A 108 -8.53 11.05 -9.82
C ILE A 108 -7.26 10.26 -10.05
N VAL A 109 -6.31 10.40 -9.13
CA VAL A 109 -5.00 9.78 -9.30
C VAL A 109 -4.80 8.65 -8.30
N THR A 110 -4.42 7.49 -8.82
CA THR A 110 -4.18 6.35 -7.96
C THR A 110 -2.79 5.78 -8.20
N GLN A 111 -2.31 4.95 -7.27
CA GLN A 111 -1.14 4.12 -7.54
C GLN A 111 -1.27 3.50 -8.92
N TRP A 112 -0.14 3.23 -9.55
CA TRP A 112 -0.13 2.60 -10.84
C TRP A 112 0.16 1.14 -10.65
N CYS A 113 -0.83 0.28 -10.93
CA CYS A 113 -0.64 -1.14 -10.65
C CYS A 113 0.16 -1.75 -11.76
N GLU A 114 1.30 -2.33 -11.39
CA GLU A 114 2.11 -3.04 -12.35
C GLU A 114 1.47 -4.42 -12.50
N GLY A 115 1.29 -4.86 -13.74
CA GLY A 115 0.59 -6.13 -13.96
C GLY A 115 -0.70 -5.92 -14.74
N SER A 116 -1.55 -6.95 -14.78
CA SER A 116 -2.77 -6.87 -15.58
C SER A 116 -4.03 -7.06 -14.74
N SER A 117 -5.17 -6.60 -15.23
CA SER A 117 -6.42 -6.81 -14.50
C SER A 117 -6.81 -8.29 -14.55
N LEU A 118 -7.63 -8.73 -13.59
CA LEU A 118 -7.98 -10.15 -13.45
C LEU A 118 -8.72 -10.62 -14.68
N TYR A 119 -9.46 -9.71 -15.29
CA TYR A 119 -10.23 -10.01 -16.48
C TYR A 119 -9.26 -10.30 -17.60
N HIS A 120 -8.20 -9.50 -17.67
CA HIS A 120 -7.18 -9.69 -18.69
C HIS A 120 -6.47 -11.04 -18.55
N HIS A 121 -6.18 -11.44 -17.31
CA HIS A 121 -5.45 -12.69 -17.09
C HIS A 121 -6.28 -13.90 -17.49
N LEU A 122 -7.54 -13.88 -17.08
CA LEU A 122 -8.43 -15.03 -17.23
C LEU A 122 -8.99 -15.15 -18.64
N HIS A 123 -9.26 -14.02 -19.28
CA HIS A 123 -10.05 -14.00 -20.51
C HIS A 123 -9.31 -13.48 -21.73
N ILE A 124 -8.29 -12.66 -21.52
CA ILE A 124 -7.53 -12.16 -22.66
C ILE A 124 -6.30 -13.00 -22.87
N ILE A 125 -5.44 -13.09 -21.86
CA ILE A 125 -4.19 -13.78 -22.07
C ILE A 125 -4.24 -15.19 -21.50
N GLU A 126 -5.40 -15.57 -20.96
CA GLU A 126 -5.65 -16.96 -20.59
C GLU A 126 -4.60 -17.51 -19.65
N THR A 127 -4.09 -16.67 -18.75
CA THR A 127 -3.17 -17.12 -17.71
C THR A 127 -3.75 -18.33 -16.98
N LYS A 128 -2.94 -19.36 -16.79
CA LYS A 128 -3.39 -20.51 -15.99
C LYS A 128 -2.84 -20.49 -14.56
N PHE A 129 -3.70 -20.20 -13.60
CA PHE A 129 -3.28 -20.13 -12.19
C PHE A 129 -3.39 -21.47 -11.50
N GLU A 130 -2.46 -21.75 -10.59
CA GLU A 130 -2.61 -22.89 -9.70
C GLU A 130 -3.89 -22.69 -8.89
N MET A 131 -4.62 -23.76 -8.60
CA MET A 131 -5.86 -23.63 -7.84
C MET A 131 -5.58 -22.94 -6.51
N ILE A 132 -4.33 -23.05 -6.05
CA ILE A 132 -3.97 -22.47 -4.77
C ILE A 132 -3.97 -20.97 -4.92
N LYS A 133 -3.46 -20.51 -6.07
CA LYS A 133 -3.44 -19.09 -6.38
C LYS A 133 -4.85 -18.58 -6.53
N LEU A 134 -5.66 -19.31 -7.31
CA LEU A 134 -7.05 -18.94 -7.58
C LEU A 134 -7.85 -18.71 -6.32
N ILE A 135 -7.70 -19.58 -5.35
CA ILE A 135 -8.39 -19.43 -4.08
C ILE A 135 -7.88 -18.16 -3.39
N ASP A 136 -6.60 -17.87 -3.51
CA ASP A 136 -6.03 -16.73 -2.79
C ASP A 136 -6.49 -15.41 -3.39
N ILE A 137 -6.51 -15.32 -4.71
CA ILE A 137 -7.12 -14.19 -5.37
C ILE A 137 -8.56 -14.02 -4.86
N ALA A 138 -9.30 -15.12 -4.83
CA ALA A 138 -10.65 -15.10 -4.30
C ALA A 138 -10.64 -14.61 -2.86
N ARG A 139 -9.71 -15.12 -2.07
CA ARG A 139 -9.66 -14.72 -0.67
C ARG A 139 -9.43 -13.24 -0.51
N GLN A 140 -8.50 -12.70 -1.31
CA GLN A 140 -8.10 -11.32 -1.17
C GLN A 140 -9.24 -10.42 -1.55
N THR A 141 -9.83 -10.69 -2.71
CA THR A 141 -10.94 -9.88 -3.18
C THR A 141 -11.99 -9.82 -2.07
N ALA A 142 -12.28 -10.98 -1.48
CA ALA A 142 -13.27 -11.07 -0.41
C ALA A 142 -12.81 -10.22 0.76
N GLN A 143 -11.49 -10.22 0.99
CA GLN A 143 -10.90 -9.43 2.06
C GLN A 143 -11.14 -7.94 1.84
N GLY A 144 -10.82 -7.45 0.65
CA GLY A 144 -10.97 -6.04 0.37
C GLY A 144 -12.43 -5.65 0.37
N MET A 145 -13.30 -6.56 -0.08
CA MET A 145 -14.73 -6.27 -0.11
C MET A 145 -15.29 -6.24 1.30
N ASP A 146 -14.91 -7.20 2.12
CA ASP A 146 -15.36 -7.17 3.51
C ASP A 146 -15.06 -5.79 4.06
N TYR A 147 -13.86 -5.29 3.77
CA TYR A 147 -13.40 -3.98 4.21
C TYR A 147 -14.28 -2.85 3.67
N LEU A 148 -14.47 -2.80 2.36
CA LEU A 148 -15.33 -1.79 1.79
C LEU A 148 -16.69 -1.80 2.48
N HIS A 149 -17.21 -2.98 2.76
CA HIS A 149 -18.50 -3.09 3.41
C HIS A 149 -18.42 -2.67 4.87
N ALA A 150 -17.35 -3.05 5.54
CA ALA A 150 -17.13 -2.61 6.91
C ALA A 150 -17.27 -1.10 6.99
N LYS A 151 -16.74 -0.41 5.99
CA LYS A 151 -16.74 1.05 6.00
C LYS A 151 -17.92 1.56 5.20
N SER A 152 -18.98 0.75 5.16
CA SER A 152 -20.26 1.15 4.61
C SER A 152 -20.14 1.72 3.20
N ILE A 153 -19.58 0.91 2.32
CA ILE A 153 -19.36 1.28 0.93
C ILE A 153 -19.81 0.12 0.06
N ILE A 154 -20.64 0.41 -0.93
CA ILE A 154 -21.11 -0.61 -1.84
C ILE A 154 -20.41 -0.38 -3.16
N HIS A 155 -19.83 -1.42 -3.72
CA HIS A 155 -19.00 -1.21 -4.89
C HIS A 155 -19.90 -0.90 -6.08
N ARG A 156 -20.94 -1.71 -6.26
CA ARG A 156 -21.91 -1.53 -7.33
C ARG A 156 -21.36 -1.91 -8.70
N ASP A 157 -20.14 -2.40 -8.75
CA ASP A 157 -19.61 -2.89 -10.01
C ASP A 157 -18.40 -3.82 -9.85
N LEU A 158 -18.45 -4.71 -8.85
CA LEU A 158 -17.39 -5.70 -8.75
C LEU A 158 -17.41 -6.48 -10.05
N LYS A 159 -16.24 -6.89 -10.50
CA LYS A 159 -16.09 -7.78 -11.66
C LYS A 159 -14.59 -7.86 -11.95
N SER A 160 -14.19 -8.81 -12.79
CA SER A 160 -12.78 -9.05 -12.96
C SER A 160 -12.01 -7.85 -13.52
N ASN A 161 -12.66 -7.02 -14.33
CA ASN A 161 -11.98 -5.87 -14.93
C ASN A 161 -11.60 -4.84 -13.89
N ASN A 162 -12.24 -4.93 -12.73
CA ASN A 162 -12.01 -3.98 -11.65
C ASN A 162 -11.19 -4.60 -10.55
N ILE A 163 -10.71 -5.82 -10.76
CA ILE A 163 -9.82 -6.45 -9.80
C ILE A 163 -8.44 -6.52 -10.40
N PHE A 164 -7.56 -5.60 -10.04
CA PHE A 164 -6.26 -5.50 -10.70
C PHE A 164 -5.33 -6.38 -9.88
N LEU A 165 -4.43 -7.07 -10.57
CA LEU A 165 -3.58 -8.06 -9.93
C LEU A 165 -2.14 -7.57 -9.95
N HIS A 166 -1.77 -6.83 -8.90
CA HIS A 166 -0.55 -6.04 -8.88
C HIS A 166 0.68 -6.86 -8.50
N GLU A 167 1.78 -6.57 -9.19
CA GLU A 167 3.01 -7.38 -9.16
C GLU A 167 2.66 -8.85 -9.24
N ASP A 168 1.56 -9.12 -9.94
CA ASP A 168 1.01 -10.46 -10.15
C ASP A 168 0.78 -11.31 -8.90
N LEU A 169 0.74 -10.69 -7.73
CA LEU A 169 0.39 -11.41 -6.51
C LEU A 169 -0.65 -10.74 -5.61
N THR A 170 -0.81 -9.43 -5.72
CA THR A 170 -1.69 -8.73 -4.78
C THR A 170 -2.96 -8.18 -5.45
N VAL A 171 -4.08 -8.23 -4.75
CA VAL A 171 -5.31 -7.79 -5.37
C VAL A 171 -5.60 -6.34 -5.03
N LYS A 172 -6.00 -5.59 -6.05
CA LYS A 172 -6.37 -4.20 -5.85
C LYS A 172 -7.75 -3.95 -6.48
N ILE A 173 -8.79 -3.90 -5.66
CA ILE A 173 -10.12 -3.57 -6.16
C ILE A 173 -10.22 -2.09 -6.43
N GLY A 174 -10.71 -1.73 -7.61
CA GLY A 174 -10.97 -0.34 -7.90
C GLY A 174 -12.25 -0.21 -8.67
N ASP A 175 -12.73 1.04 -8.80
CA ASP A 175 -13.72 1.42 -9.81
C ASP A 175 -15.18 1.42 -9.39
N PHE A 176 -15.62 2.40 -8.62
CA PHE A 176 -16.84 2.22 -7.82
C PHE A 176 -18.22 2.46 -8.52
N GLY A 177 -19.17 3.20 -7.90
CA GLY A 177 -20.59 3.03 -8.17
C GLY A 177 -21.28 4.04 -9.06
N LEU A 194 -23.88 0.11 -17.38
CA LEU A 194 -25.01 -0.80 -17.46
C LEU A 194 -25.01 -1.55 -18.78
N SER A 195 -23.86 -2.13 -19.13
CA SER A 195 -23.72 -2.80 -20.42
C SER A 195 -22.47 -3.64 -20.43
N GLY A 196 -21.50 -3.23 -19.62
CA GLY A 196 -20.21 -3.89 -19.64
C GLY A 196 -20.16 -4.83 -18.47
N SER A 197 -21.30 -5.01 -17.82
CA SER A 197 -21.30 -5.77 -16.60
C SER A 197 -22.66 -6.34 -16.25
N ILE A 198 -23.38 -6.83 -17.25
CA ILE A 198 -24.65 -7.46 -16.94
C ILE A 198 -24.39 -8.88 -16.42
N LEU A 199 -23.19 -9.38 -16.68
CA LEU A 199 -22.83 -10.71 -16.22
C LEU A 199 -22.63 -10.79 -14.71
N TRP A 200 -22.41 -9.64 -14.07
CA TRP A 200 -22.15 -9.63 -12.64
C TRP A 200 -23.32 -9.08 -11.85
N MET A 201 -24.37 -8.70 -12.56
CA MET A 201 -25.53 -8.16 -11.89
C MET A 201 -26.37 -9.27 -11.28
N ALA A 202 -26.68 -9.13 -10.01
CA ALA A 202 -27.68 -9.96 -9.37
C ALA A 202 -29.03 -9.72 -10.02
N PRO A 203 -29.91 -10.72 -9.97
CA PRO A 203 -31.25 -10.57 -10.54
C PRO A 203 -31.94 -9.28 -10.08
N GLU A 204 -31.87 -8.99 -8.79
CA GLU A 204 -32.61 -7.85 -8.22
C GLU A 204 -32.15 -6.57 -8.87
N VAL A 205 -30.93 -6.60 -9.36
CA VAL A 205 -30.34 -5.46 -10.03
C VAL A 205 -30.74 -5.45 -11.50
N ILE A 206 -30.49 -6.56 -12.20
CA ILE A 206 -30.85 -6.64 -13.61
C ILE A 206 -32.28 -6.18 -13.89
N ARG A 207 -33.26 -6.80 -13.26
CA ARG A 207 -34.64 -6.37 -13.45
C ARG A 207 -34.86 -5.08 -12.68
N MET A 208 -34.45 -3.96 -13.25
CA MET A 208 -34.43 -2.71 -12.50
C MET A 208 -35.76 -2.46 -11.82
N GLN A 209 -35.90 -3.00 -10.61
CA GLN A 209 -37.20 -3.15 -9.99
C GLN A 209 -37.56 -1.95 -9.13
N ASP A 210 -36.61 -1.49 -8.32
CA ASP A 210 -36.80 -0.25 -7.57
C ASP A 210 -35.60 0.69 -7.64
N LYS A 211 -35.66 1.75 -6.84
CA LYS A 211 -34.67 2.83 -6.88
C LYS A 211 -33.25 2.31 -6.60
N ASN A 212 -33.10 1.57 -5.50
CA ASN A 212 -31.80 1.05 -5.09
C ASN A 212 -31.80 -0.46 -4.88
N PRO A 213 -31.53 -1.20 -5.96
CA PRO A 213 -31.33 -2.65 -5.97
C PRO A 213 -29.96 -3.03 -5.39
N TYR A 214 -29.13 -2.00 -5.18
CA TYR A 214 -27.74 -2.20 -4.78
C TYR A 214 -27.58 -2.35 -3.28
N SER A 215 -26.85 -3.38 -2.87
CA SER A 215 -26.83 -3.79 -1.48
C SER A 215 -25.59 -4.62 -1.32
N PHE A 216 -25.16 -4.81 -0.08
CA PHE A 216 -24.02 -5.68 0.18
C PHE A 216 -24.20 -6.98 -0.57
N GLN A 217 -25.43 -7.48 -0.61
CA GLN A 217 -25.67 -8.77 -1.23
C GLN A 217 -25.67 -8.70 -2.75
N SER A 218 -25.97 -7.54 -3.31
CA SER A 218 -25.84 -7.35 -4.76
C SER A 218 -24.34 -7.42 -5.14
N ASP A 219 -23.48 -7.03 -4.20
CA ASP A 219 -22.04 -7.15 -4.38
C ASP A 219 -21.63 -8.60 -4.24
N VAL A 220 -22.19 -9.25 -3.23
CA VAL A 220 -21.87 -10.64 -2.93
C VAL A 220 -22.19 -11.52 -4.14
N TYR A 221 -23.23 -11.15 -4.88
CA TYR A 221 -23.56 -11.88 -6.09
C TYR A 221 -22.48 -11.65 -7.13
N ALA A 222 -22.10 -10.39 -7.33
CA ALA A 222 -21.03 -10.09 -8.27
C ALA A 222 -19.77 -10.84 -7.86
N PHE A 223 -19.49 -10.87 -6.57
CA PHE A 223 -18.36 -11.65 -6.07
C PHE A 223 -18.52 -13.09 -6.56
N GLY A 224 -19.76 -13.59 -6.48
CA GLY A 224 -20.04 -14.96 -6.82
C GLY A 224 -19.79 -15.25 -8.29
N ILE A 225 -20.02 -14.28 -9.14
CA ILE A 225 -19.66 -14.47 -10.52
C ILE A 225 -18.15 -14.52 -10.72
N VAL A 226 -17.39 -13.61 -10.09
CA VAL A 226 -15.94 -13.66 -10.27
C VAL A 226 -15.40 -14.96 -9.66
N LEU A 227 -16.12 -15.53 -8.69
CA LEU A 227 -15.76 -16.87 -8.20
C LEU A 227 -15.92 -17.88 -9.31
N TYR A 228 -17.01 -17.74 -10.06
CA TYR A 228 -17.26 -18.61 -11.18
C TYR A 228 -16.16 -18.41 -12.23
N GLU A 229 -15.72 -17.16 -12.40
CA GLU A 229 -14.66 -16.86 -13.36
C GLU A 229 -13.40 -17.60 -12.97
N LEU A 230 -13.01 -17.46 -11.70
CA LEU A 230 -11.78 -18.06 -11.22
C LEU A 230 -11.83 -19.56 -11.40
N MET A 231 -12.98 -20.17 -11.11
CA MET A 231 -13.04 -21.61 -11.01
C MET A 231 -13.32 -22.29 -12.34
N THR A 232 -14.02 -21.60 -13.23
CA THR A 232 -14.39 -22.19 -14.51
C THR A 232 -13.42 -21.68 -15.54
N GLY A 233 -12.83 -20.53 -15.25
CA GLY A 233 -11.93 -19.93 -16.21
C GLY A 233 -12.67 -19.21 -17.30
N GLN A 234 -14.00 -19.32 -17.31
CA GLN A 234 -14.82 -18.71 -18.36
C GLN A 234 -15.68 -17.60 -17.82
N LEU A 235 -16.32 -16.87 -18.72
CA LEU A 235 -17.43 -16.00 -18.34
C LEU A 235 -18.75 -16.78 -18.36
N PRO A 236 -19.72 -16.39 -17.54
CA PRO A 236 -21.00 -17.10 -17.53
C PRO A 236 -21.74 -16.98 -18.84
N TYR A 237 -22.61 -17.96 -19.09
CA TYR A 237 -23.54 -17.98 -20.23
C TYR A 237 -22.84 -17.79 -21.58
N SER A 238 -21.67 -18.40 -21.74
CA SER A 238 -20.89 -18.25 -22.97
C SER A 238 -21.62 -18.78 -24.20
N ASN A 239 -22.67 -19.56 -23.99
CA ASN A 239 -23.32 -20.27 -25.10
C ASN A 239 -24.65 -19.63 -25.52
N ILE A 240 -24.98 -18.50 -24.91
CA ILE A 240 -26.14 -17.72 -25.31
C ILE A 240 -25.67 -16.43 -25.95
N ASN A 241 -25.97 -16.25 -27.23
CA ASN A 241 -25.31 -15.20 -28.00
C ASN A 241 -26.14 -13.93 -28.09
N ASN A 242 -27.32 -13.96 -27.49
CA ASN A 242 -28.16 -12.77 -27.53
C ASN A 242 -28.32 -12.10 -26.17
N ARG A 243 -27.67 -10.94 -26.00
CA ARG A 243 -27.51 -10.34 -24.68
C ARG A 243 -28.83 -9.94 -24.04
N ASP A 244 -29.84 -9.71 -24.85
CA ASP A 244 -31.13 -9.32 -24.29
C ASP A 244 -31.80 -10.49 -23.62
N GLN A 245 -31.73 -11.65 -24.25
CA GLN A 245 -32.30 -12.83 -23.66
C GLN A 245 -31.66 -13.08 -22.30
N ILE A 246 -30.34 -12.86 -22.21
CA ILE A 246 -29.63 -13.08 -20.97
C ILE A 246 -30.25 -12.18 -19.93
N ILE A 247 -30.31 -10.89 -20.24
CA ILE A 247 -30.88 -9.92 -19.29
C ILE A 247 -32.25 -10.38 -18.85
N PHE A 248 -33.07 -10.83 -19.81
CA PHE A 248 -34.42 -11.26 -19.49
C PHE A 248 -34.47 -12.47 -18.61
N MET A 249 -33.75 -13.52 -19.02
CA MET A 249 -33.77 -14.78 -18.30
C MET A 249 -33.18 -14.68 -16.91
N VAL A 250 -32.06 -13.98 -16.77
CA VAL A 250 -31.35 -13.92 -15.48
C VAL A 250 -32.16 -13.17 -14.46
N GLY A 251 -32.98 -12.24 -14.95
CA GLY A 251 -33.79 -11.44 -14.08
C GLY A 251 -35.00 -12.18 -13.60
N ARG A 252 -35.44 -13.15 -14.38
CA ARG A 252 -36.56 -13.99 -13.99
C ARG A 252 -36.09 -15.28 -13.32
N GLY A 253 -34.78 -15.43 -13.15
CA GLY A 253 -34.25 -16.63 -12.52
C GLY A 253 -34.49 -17.91 -13.32
N TYR A 254 -34.64 -17.78 -14.64
CA TYR A 254 -34.71 -18.91 -15.55
C TYR A 254 -33.29 -19.30 -15.88
N LEU A 255 -32.37 -18.34 -15.78
CA LEU A 255 -31.00 -18.56 -16.18
C LEU A 255 -30.15 -18.42 -14.96
N SER A 256 -29.06 -19.18 -14.89
CA SER A 256 -28.06 -18.99 -13.86
C SER A 256 -26.77 -19.75 -14.16
N PRO A 257 -25.65 -19.26 -13.64
CA PRO A 257 -24.35 -19.85 -13.96
C PRO A 257 -24.35 -21.37 -13.82
N ASP A 258 -23.79 -22.05 -14.82
CA ASP A 258 -23.71 -23.51 -14.80
C ASP A 258 -22.56 -23.99 -13.96
N LEU A 259 -22.80 -24.17 -12.67
CA LEU A 259 -21.73 -24.46 -11.72
C LEU A 259 -20.99 -25.75 -12.00
N SER A 260 -21.44 -26.53 -12.99
CA SER A 260 -20.81 -27.79 -13.32
C SER A 260 -19.62 -27.61 -14.26
N LYS A 261 -18.99 -26.44 -14.21
CA LYS A 261 -17.81 -26.20 -15.01
C LYS A 261 -16.68 -25.79 -14.10
N VAL A 262 -16.94 -25.76 -12.80
CA VAL A 262 -15.86 -25.55 -11.85
C VAL A 262 -14.85 -26.65 -12.14
N ARG A 263 -13.61 -26.27 -12.44
CA ARG A 263 -12.64 -27.28 -12.86
C ARG A 263 -12.43 -28.30 -11.73
N SER A 264 -12.06 -29.52 -12.10
CA SER A 264 -12.06 -30.66 -11.19
C SER A 264 -11.49 -30.36 -9.80
N ASN A 265 -10.37 -29.66 -9.77
CA ASN A 265 -9.60 -29.41 -8.54
C ASN A 265 -10.17 -28.28 -7.69
N CYS A 266 -11.39 -27.88 -7.99
CA CYS A 266 -12.09 -26.88 -7.19
C CYS A 266 -12.68 -27.55 -5.96
N PRO A 267 -12.24 -27.15 -4.76
CA PRO A 267 -12.77 -27.68 -3.51
C PRO A 267 -14.30 -27.60 -3.45
N LYS A 268 -14.93 -28.68 -2.99
CA LYS A 268 -16.39 -28.72 -2.93
C LYS A 268 -16.89 -27.60 -2.04
N ALA A 269 -16.12 -27.29 -1.00
CA ALA A 269 -16.51 -26.24 -0.08
C ALA A 269 -16.53 -24.91 -0.79
N MET A 270 -15.73 -24.80 -1.86
CA MET A 270 -15.72 -23.60 -2.70
C MET A 270 -16.96 -23.58 -3.59
N LYS A 271 -17.16 -24.66 -4.33
CA LYS A 271 -18.31 -24.81 -5.21
C LYS A 271 -19.61 -24.55 -4.46
N ARG A 272 -19.69 -24.98 -3.21
CA ARG A 272 -20.86 -24.76 -2.39
C ARG A 272 -21.01 -23.28 -2.04
N LEU A 273 -19.89 -22.64 -1.71
CA LEU A 273 -19.88 -21.23 -1.34
C LEU A 273 -20.22 -20.39 -2.57
N MET A 274 -19.72 -20.84 -3.71
CA MET A 274 -19.97 -20.16 -4.98
C MET A 274 -21.48 -20.10 -5.17
N ALA A 275 -22.13 -21.25 -5.01
CA ALA A 275 -23.57 -21.35 -5.14
C ALA A 275 -24.32 -20.55 -4.10
N GLU A 276 -23.73 -20.42 -2.91
CA GLU A 276 -24.35 -19.64 -1.84
C GLU A 276 -24.35 -18.14 -2.13
N CYS A 277 -23.33 -17.66 -2.85
CA CYS A 277 -23.21 -16.24 -3.15
C CYS A 277 -24.08 -15.90 -4.31
N LEU A 278 -24.45 -16.91 -5.07
CA LEU A 278 -25.22 -16.70 -6.29
C LEU A 278 -26.73 -16.85 -6.11
N LYS A 279 -27.18 -17.14 -4.88
CA LYS A 279 -28.61 -17.37 -4.61
C LYS A 279 -29.47 -16.34 -5.32
N LYS A 280 -30.54 -16.79 -5.99
CA LYS A 280 -31.37 -15.88 -6.78
C LYS A 280 -32.12 -14.92 -5.86
N LYS A 281 -32.46 -15.41 -4.67
CA LYS A 281 -33.07 -14.59 -3.63
C LYS A 281 -31.97 -13.91 -2.82
N ARG A 282 -31.88 -12.59 -2.92
CA ARG A 282 -30.75 -11.85 -2.37
C ARG A 282 -30.54 -12.01 -0.86
N ASP A 283 -31.59 -12.40 -0.14
CA ASP A 283 -31.53 -12.51 1.31
C ASP A 283 -30.88 -13.80 1.73
N GLU A 284 -30.71 -14.71 0.78
CA GLU A 284 -30.12 -16.00 1.06
C GLU A 284 -28.60 -15.99 0.87
N ARG A 285 -28.08 -14.82 0.49
CA ARG A 285 -26.65 -14.70 0.21
C ARG A 285 -25.89 -14.35 1.48
N PRO A 286 -24.77 -15.04 1.73
CA PRO A 286 -23.92 -14.68 2.86
C PRO A 286 -23.34 -13.26 2.73
N LEU A 287 -22.94 -12.67 3.84
CA LEU A 287 -22.16 -11.44 3.79
C LEU A 287 -20.69 -11.78 3.88
N PHE A 288 -19.83 -10.77 3.73
CA PHE A 288 -18.44 -11.04 3.45
C PHE A 288 -17.61 -11.58 4.61
N PRO A 289 -17.92 -11.17 5.85
CA PRO A 289 -17.25 -11.81 6.97
C PRO A 289 -17.37 -13.32 6.94
N GLN A 290 -18.56 -13.82 6.62
CA GLN A 290 -18.79 -15.25 6.58
C GLN A 290 -18.21 -15.86 5.34
N ILE A 291 -18.29 -15.13 4.24
CA ILE A 291 -17.68 -15.55 2.97
C ILE A 291 -16.19 -15.70 3.16
N LEU A 292 -15.61 -14.74 3.86
CA LEU A 292 -14.18 -14.70 4.06
C LEU A 292 -13.79 -15.91 4.91
N ALA A 293 -14.59 -16.17 5.96
CA ALA A 293 -14.38 -17.29 6.89
C ALA A 293 -14.28 -18.63 6.16
N SER A 294 -15.26 -18.86 5.29
CA SER A 294 -15.34 -20.10 4.54
C SER A 294 -14.16 -20.23 3.60
N ILE A 295 -13.71 -19.13 3.01
CA ILE A 295 -12.59 -19.19 2.09
C ILE A 295 -11.31 -19.48 2.85
N GLU A 296 -11.16 -18.82 3.99
CA GLU A 296 -9.98 -19.02 4.80
C GLU A 296 -9.91 -20.44 5.29
N LEU A 297 -11.05 -21.03 5.61
CA LEU A 297 -11.08 -22.40 6.07
C LEU A 297 -10.72 -23.40 4.98
N LEU A 298 -11.43 -23.33 3.86
CA LEU A 298 -11.20 -24.26 2.76
C LEU A 298 -9.82 -24.05 2.15
N ALA A 299 -9.14 -23.00 2.62
CA ALA A 299 -7.82 -22.64 2.10
C ALA A 299 -6.72 -23.38 2.85
N ARG A 300 -6.83 -23.39 4.17
CA ARG A 300 -5.91 -24.09 5.05
C ARG A 300 -6.15 -25.59 5.00
N SER A 301 -7.24 -26.00 4.37
CA SER A 301 -7.60 -27.41 4.30
C SER A 301 -7.17 -28.03 2.98
N LEU A 302 -6.24 -27.39 2.29
CA LEU A 302 -6.00 -27.70 0.88
C LEU A 302 -4.61 -28.23 0.51
N PRO A 303 -3.54 -27.53 0.91
CA PRO A 303 -2.17 -27.78 0.43
C PRO A 303 -1.60 -29.19 0.70
N LYS A 304 -2.23 -29.90 1.64
CA LYS A 304 -1.81 -31.26 2.01
C LYS A 304 -2.55 -32.33 1.19
N ASP B 29 -14.99 8.34 7.60
CA ASP B 29 -13.73 9.12 7.70
C ASP B 29 -12.85 8.66 8.88
N ASP B 30 -12.81 9.48 9.94
CA ASP B 30 -11.84 9.36 11.03
C ASP B 30 -11.46 7.90 11.38
N TRP B 31 -10.21 7.71 11.78
CA TRP B 31 -9.59 6.39 11.70
C TRP B 31 -9.49 5.66 13.03
N GLU B 32 -10.24 6.13 14.02
CA GLU B 32 -10.23 5.48 15.32
C GLU B 32 -10.88 4.11 15.20
N ILE B 33 -10.13 3.07 15.54
CA ILE B 33 -10.66 1.71 15.53
C ILE B 33 -11.23 1.33 16.89
N PRO B 34 -12.55 1.05 16.93
CA PRO B 34 -13.25 0.73 18.17
C PRO B 34 -12.72 -0.53 18.80
N ASP B 35 -12.83 -0.61 20.12
CA ASP B 35 -12.32 -1.74 20.88
C ASP B 35 -12.73 -3.08 20.24
N GLY B 36 -11.90 -4.09 20.47
CA GLY B 36 -12.31 -5.46 20.20
C GLY B 36 -12.41 -5.85 18.74
N GLN B 37 -12.33 -4.89 17.83
CA GLN B 37 -12.30 -5.21 16.40
C GLN B 37 -10.95 -5.79 16.00
N ILE B 38 -9.87 -5.19 16.50
CA ILE B 38 -8.55 -5.68 16.21
C ILE B 38 -8.26 -6.89 17.06
N THR B 39 -7.36 -7.75 16.60
CA THR B 39 -7.05 -8.97 17.34
C THR B 39 -5.55 -9.17 17.38
N VAL B 40 -4.93 -8.72 18.48
CA VAL B 40 -3.49 -8.76 18.57
C VAL B 40 -3.02 -10.20 18.70
N GLY B 41 -1.89 -10.51 18.07
CA GLY B 41 -1.39 -11.87 18.11
C GLY B 41 0.11 -11.95 18.40
N GLN B 42 0.82 -12.70 17.57
CA GLN B 42 2.25 -12.97 17.75
C GLN B 42 3.05 -11.69 17.93
N ARG B 43 4.03 -11.72 18.83
CA ARG B 43 4.77 -10.51 19.19
C ARG B 43 6.07 -10.37 18.38
N ILE B 44 6.44 -9.16 17.98
CA ILE B 44 7.71 -8.95 17.29
C ILE B 44 8.53 -7.75 17.76
N GLY B 45 7.91 -6.59 17.92
CA GLY B 45 8.65 -5.38 18.29
C GLY B 45 9.09 -5.36 19.73
N SER B 46 10.38 -5.58 19.96
CA SER B 46 10.89 -5.80 21.30
C SER B 46 11.29 -4.49 22.00
N GLY B 47 10.65 -3.40 21.61
CA GLY B 47 11.04 -2.08 22.10
C GLY B 47 10.57 -1.77 23.50
N SER B 48 11.02 -0.64 24.04
CA SER B 48 10.57 -0.22 25.37
C SER B 48 9.33 0.65 25.23
N PHE B 49 9.48 1.81 24.59
CA PHE B 49 8.32 2.54 24.09
C PHE B 49 7.78 1.70 22.94
N GLY B 50 6.51 1.34 23.02
CA GLY B 50 5.87 0.57 21.97
C GLY B 50 6.23 -0.90 21.91
N THR B 51 5.31 -1.70 21.39
CA THR B 51 5.59 -3.10 21.11
C THR B 51 4.78 -3.48 19.90
N VAL B 52 5.43 -4.05 18.89
CA VAL B 52 4.76 -4.34 17.64
C VAL B 52 4.30 -5.79 17.51
N TYR B 53 3.01 -5.99 17.33
CA TYR B 53 2.41 -7.31 17.17
C TYR B 53 1.80 -7.50 15.77
N LYS B 54 1.90 -8.73 15.24
CA LYS B 54 1.13 -9.09 14.05
C LYS B 54 -0.30 -9.41 14.46
N GLY B 55 -1.26 -8.76 13.82
CA GLY B 55 -2.62 -8.86 14.28
C GLY B 55 -3.57 -9.07 13.13
N LYS B 56 -4.86 -9.05 13.42
CA LYS B 56 -5.84 -9.12 12.35
C LYS B 56 -6.93 -8.08 12.55
N TRP B 57 -7.11 -7.27 11.50
CA TRP B 57 -8.23 -6.35 11.40
C TRP B 57 -8.46 -6.14 9.91
N HIS B 58 -9.49 -6.78 9.36
CA HIS B 58 -9.70 -6.80 7.91
C HIS B 58 -8.48 -7.33 7.20
N GLY B 59 -7.93 -8.41 7.73
CA GLY B 59 -6.74 -8.99 7.15
C GLY B 59 -5.57 -8.87 8.09
N ASP B 60 -4.45 -9.49 7.75
CA ASP B 60 -3.25 -9.35 8.52
C ASP B 60 -2.90 -7.87 8.59
N VAL B 61 -2.60 -7.40 9.80
CA VAL B 61 -2.15 -6.04 10.01
C VAL B 61 -0.96 -6.08 10.97
N ALA B 62 -0.23 -4.97 11.08
CA ALA B 62 0.72 -4.80 12.17
C ALA B 62 0.09 -3.86 13.16
N VAL B 63 0.25 -4.14 14.45
CA VAL B 63 -0.21 -3.23 15.49
C VAL B 63 0.94 -2.84 16.40
N LYS B 64 1.18 -1.55 16.53
CA LYS B 64 2.20 -1.06 17.44
C LYS B 64 1.49 -0.43 18.62
N MET B 65 1.65 -1.02 19.79
CA MET B 65 1.07 -0.48 21.01
C MET B 65 2.08 0.34 21.82
N LEU B 66 1.80 1.64 21.95
CA LEU B 66 2.73 2.57 22.59
C LEU B 66 3.05 2.20 24.04
N ASN B 67 2.29 1.25 24.59
CA ASN B 67 2.30 0.91 26.02
C ASN B 67 2.74 2.04 26.97
N VAL B 68 1.94 3.10 27.01
CA VAL B 68 2.18 4.22 27.89
C VAL B 68 1.22 4.17 29.06
N THR B 69 0.93 2.96 29.52
CA THR B 69 0.11 2.71 30.71
C THR B 69 -1.05 3.69 30.90
N ALA B 70 -1.84 3.86 29.84
CA ALA B 70 -3.03 4.71 29.87
C ALA B 70 -2.71 6.18 30.14
N PRO B 71 -2.69 7.00 29.08
CA PRO B 71 -2.63 8.46 29.28
C PRO B 71 -3.85 8.86 30.08
N THR B 72 -3.86 10.02 30.75
CA THR B 72 -2.86 11.09 30.76
C THR B 72 -3.10 12.14 29.70
N PRO B 73 -4.37 12.53 29.51
CA PRO B 73 -4.60 13.70 28.64
C PRO B 73 -3.83 14.90 29.20
N GLN B 74 -3.43 15.77 28.30
CA GLN B 74 -3.57 15.47 26.89
C GLN B 74 -2.23 15.02 26.33
N GLN B 75 -1.78 13.86 26.82
CA GLN B 75 -0.91 12.99 26.04
C GLN B 75 -1.81 12.42 24.95
N LEU B 76 -3.00 12.00 25.38
CA LEU B 76 -4.01 11.45 24.48
C LEU B 76 -4.21 12.38 23.31
N GLN B 77 -3.87 13.66 23.49
CA GLN B 77 -4.03 14.65 22.42
C GLN B 77 -2.73 14.80 21.63
N ALA B 78 -1.60 14.54 22.28
CA ALA B 78 -0.31 14.57 21.59
C ALA B 78 -0.23 13.37 20.66
N PHE B 79 -0.83 12.25 21.07
CA PHE B 79 -0.89 11.05 20.26
C PHE B 79 -1.70 11.28 19.00
N LYS B 80 -2.91 11.82 19.17
CA LYS B 80 -3.80 12.12 18.05
C LYS B 80 -3.12 13.05 17.05
N ASN B 81 -2.21 13.88 17.54
CA ASN B 81 -1.51 14.81 16.66
C ASN B 81 -0.49 14.11 15.77
N GLU B 82 0.04 12.99 16.24
CA GLU B 82 0.99 12.20 15.46
C GLU B 82 0.23 11.45 14.39
N VAL B 83 -0.93 10.92 14.76
CA VAL B 83 -1.79 10.22 13.82
C VAL B 83 -2.24 11.18 12.74
N GLY B 84 -2.25 12.47 13.08
CA GLY B 84 -2.55 13.46 12.08
C GLY B 84 -1.49 13.49 11.00
N VAL B 85 -0.23 13.30 11.40
CA VAL B 85 0.86 13.28 10.43
C VAL B 85 0.78 12.06 9.53
N LEU B 86 0.65 10.88 10.14
CA LEU B 86 0.56 9.63 9.39
C LEU B 86 -0.49 9.72 8.29
N ARG B 87 -1.67 10.25 8.64
CA ARG B 87 -2.78 10.27 7.70
C ARG B 87 -2.59 11.24 6.54
N LYS B 88 -1.50 12.01 6.56
CA LYS B 88 -1.16 12.84 5.41
C LYS B 88 -0.43 12.05 4.34
N THR B 89 -0.13 10.78 4.65
CA THR B 89 0.65 9.93 3.75
C THR B 89 -0.19 8.91 2.95
N ARG B 90 -0.03 8.93 1.64
CA ARG B 90 -0.69 7.98 0.76
C ARG B 90 0.18 7.74 -0.44
N HIS B 91 1.13 6.82 -0.31
CA HIS B 91 2.11 6.59 -1.35
C HIS B 91 2.65 5.17 -1.19
N VAL B 92 2.74 4.46 -2.30
CA VAL B 92 3.15 3.07 -2.32
C VAL B 92 4.45 2.83 -1.56
N ASN B 93 5.34 3.81 -1.55
CA ASN B 93 6.61 3.67 -0.87
C ASN B 93 6.62 4.09 0.61
N ILE B 94 5.51 4.66 1.08
CA ILE B 94 5.33 4.93 2.50
C ILE B 94 4.40 3.90 3.12
N LEU B 95 4.86 3.28 4.21
CA LEU B 95 4.10 2.25 4.92
C LEU B 95 2.67 2.66 5.10
N LEU B 96 1.73 1.76 4.82
CA LEU B 96 0.31 2.12 4.82
C LEU B 96 -0.25 2.27 6.22
N PHE B 97 -0.60 3.49 6.59
CA PHE B 97 -1.34 3.68 7.81
C PHE B 97 -2.78 3.21 7.55
N MET B 98 -3.30 2.32 8.40
CA MET B 98 -4.68 1.86 8.26
C MET B 98 -5.63 2.37 9.35
N GLY B 99 -5.06 2.84 10.46
CA GLY B 99 -5.85 3.42 11.54
C GLY B 99 -5.20 3.29 12.91
N TYR B 100 -5.77 3.95 13.91
CA TYR B 100 -5.21 3.93 15.26
C TYR B 100 -6.27 3.52 16.28
N SER B 101 -5.82 2.96 17.39
CA SER B 101 -6.69 2.60 18.49
C SER B 101 -6.38 3.47 19.72
N THR B 102 -7.39 3.76 20.51
CA THR B 102 -7.14 4.39 21.80
C THR B 102 -7.74 3.52 22.89
N LYS B 103 -8.71 2.68 22.52
CA LYS B 103 -9.48 1.90 23.49
C LYS B 103 -8.60 1.02 24.40
N PRO B 104 -8.21 -0.20 23.97
CA PRO B 104 -7.44 -0.94 24.98
C PRO B 104 -6.15 -0.22 25.42
N GLN B 105 -5.22 0.01 24.48
CA GLN B 105 -4.10 0.93 24.70
C GLN B 105 -4.08 1.91 23.55
N LEU B 106 -3.24 2.93 23.63
CA LEU B 106 -2.93 3.69 22.44
C LEU B 106 -2.26 2.71 21.48
N ALA B 107 -2.61 2.76 20.20
CA ALA B 107 -2.01 1.86 19.22
C ALA B 107 -2.13 2.35 17.79
N ILE B 108 -1.17 1.99 16.97
CA ILE B 108 -1.18 2.36 15.56
C ILE B 108 -1.15 1.14 14.68
N VAL B 109 -2.09 1.03 13.76
CA VAL B 109 -2.24 -0.17 12.95
C VAL B 109 -1.85 0.12 11.51
N THR B 110 -0.97 -0.70 10.96
CA THR B 110 -0.55 -0.52 9.58
C THR B 110 -0.70 -1.82 8.81
N GLN B 111 -0.66 -1.72 7.49
CA GLN B 111 -0.56 -2.92 6.66
C GLN B 111 0.51 -3.79 7.24
N TRP B 112 0.37 -5.10 7.05
CA TRP B 112 1.36 -6.06 7.50
C TRP B 112 2.28 -6.41 6.35
N CYS B 113 3.53 -5.96 6.40
CA CYS B 113 4.41 -6.22 5.29
C CYS B 113 4.90 -7.66 5.29
N GLU B 114 4.57 -8.39 4.24
CA GLU B 114 5.08 -9.74 4.08
C GLU B 114 6.51 -9.60 3.60
N GLY B 115 7.43 -10.33 4.21
CA GLY B 115 8.84 -10.16 3.87
C GLY B 115 9.64 -9.62 5.04
N SER B 116 10.88 -9.20 4.80
CA SER B 116 11.75 -8.81 5.91
C SER B 116 12.19 -7.37 5.75
N SER B 117 12.63 -6.73 6.83
CA SER B 117 13.16 -5.37 6.72
C SER B 117 14.51 -5.37 5.98
N LEU B 118 14.88 -4.23 5.43
CA LEU B 118 16.10 -4.15 4.62
C LEU B 118 17.33 -4.46 5.45
N TYR B 119 17.25 -4.14 6.74
CA TYR B 119 18.32 -4.40 7.69
C TYR B 119 18.49 -5.89 7.84
N HIS B 120 17.35 -6.57 7.96
CA HIS B 120 17.36 -8.01 8.09
C HIS B 120 17.98 -8.67 6.85
N HIS B 121 17.67 -8.18 5.66
CA HIS B 121 18.17 -8.81 4.44
C HIS B 121 19.67 -8.65 4.30
N LEU B 122 20.14 -7.44 4.58
CA LEU B 122 21.53 -7.09 4.32
C LEU B 122 22.47 -7.62 5.41
N HIS B 123 21.98 -7.64 6.65
CA HIS B 123 22.84 -7.83 7.80
C HIS B 123 22.54 -9.06 8.61
N ILE B 124 21.29 -9.51 8.59
CA ILE B 124 20.95 -10.72 9.32
C ILE B 124 21.04 -11.95 8.44
N ILE B 125 20.28 -11.98 7.37
CA ILE B 125 20.28 -13.16 6.52
C ILE B 125 21.14 -12.98 5.29
N GLU B 126 21.84 -11.86 5.20
CA GLU B 126 22.89 -11.69 4.20
C GLU B 126 22.39 -12.00 2.79
N THR B 127 21.14 -11.67 2.51
CA THR B 127 20.62 -11.73 1.15
C THR B 127 21.57 -11.05 0.17
N LYS B 128 21.87 -11.72 -0.95
CA LYS B 128 22.66 -11.10 -2.01
C LYS B 128 21.80 -10.60 -3.19
N PHE B 129 21.64 -9.28 -3.28
CA PHE B 129 20.83 -8.69 -4.33
C PHE B 129 21.66 -8.42 -5.57
N GLU B 130 21.05 -8.58 -6.75
CA GLU B 130 21.66 -8.10 -7.98
C GLU B 130 21.84 -6.59 -7.87
N MET B 131 22.92 -6.06 -8.43
CA MET B 131 23.17 -4.62 -8.34
C MET B 131 21.97 -3.86 -8.91
N ILE B 132 21.25 -4.51 -9.80
CA ILE B 132 20.10 -3.88 -10.45
C ILE B 132 19.01 -3.71 -9.40
N LYS B 133 18.85 -4.72 -8.58
CA LYS B 133 17.87 -4.70 -7.51
C LYS B 133 18.26 -3.65 -6.47
N LEU B 134 19.55 -3.64 -6.11
CA LEU B 134 20.07 -2.73 -5.10
C LEU B 134 19.82 -1.28 -5.47
N ILE B 135 20.04 -0.95 -6.74
CA ILE B 135 19.79 0.39 -7.20
C ILE B 135 18.31 0.72 -7.09
N ASP B 136 17.47 -0.27 -7.37
CA ASP B 136 16.03 -0.04 -7.35
C ASP B 136 15.49 0.19 -5.94
N ILE B 137 15.96 -0.61 -4.99
CA ILE B 137 15.64 -0.38 -3.60
C ILE B 137 16.05 1.03 -3.22
N ALA B 138 17.26 1.41 -3.61
CA ALA B 138 17.73 2.76 -3.40
C ALA B 138 16.80 3.77 -4.08
N ARG B 139 16.41 3.49 -5.32
CA ARG B 139 15.54 4.42 -6.02
C ARG B 139 14.21 4.60 -5.30
N GLN B 140 13.65 3.49 -4.83
CA GLN B 140 12.32 3.55 -4.22
C GLN B 140 12.40 4.32 -2.93
N THR B 141 13.34 3.95 -2.07
CA THR B 141 13.49 4.64 -0.80
C THR B 141 13.55 6.15 -1.07
N ALA B 142 14.34 6.52 -2.08
CA ALA B 142 14.50 7.92 -2.45
C ALA B 142 13.16 8.50 -2.87
N GLN B 143 12.39 7.68 -3.58
CA GLN B 143 11.06 8.05 -4.03
C GLN B 143 10.14 8.37 -2.87
N GLY B 144 10.05 7.42 -1.93
CA GLY B 144 9.18 7.63 -0.79
C GLY B 144 9.62 8.80 0.05
N MET B 145 10.93 9.01 0.14
CA MET B 145 11.47 10.09 0.95
C MET B 145 11.19 11.43 0.29
N ASP B 146 11.44 11.52 -1.02
CA ASP B 146 11.08 12.72 -1.74
C ASP B 146 9.65 13.10 -1.36
N TYR B 147 8.77 12.09 -1.38
CA TYR B 147 7.36 12.26 -1.06
C TYR B 147 7.17 12.78 0.36
N LEU B 148 7.75 12.09 1.34
CA LEU B 148 7.62 12.55 2.71
C LEU B 148 8.02 14.01 2.81
N HIS B 149 9.09 14.38 2.11
CA HIS B 149 9.59 15.75 2.16
C HIS B 149 8.65 16.68 1.42
N ALA B 150 8.15 16.24 0.27
CA ALA B 150 7.18 17.04 -0.47
C ALA B 150 6.05 17.45 0.48
N LYS B 151 5.65 16.55 1.36
CA LYS B 151 4.55 16.81 2.27
C LYS B 151 5.08 17.28 3.61
N SER B 152 6.24 17.90 3.57
CA SER B 152 6.82 18.60 4.73
C SER B 152 6.84 17.70 5.95
N ILE B 153 7.53 16.57 5.81
CA ILE B 153 7.66 15.59 6.88
C ILE B 153 9.12 15.17 6.92
N ILE B 154 9.72 15.23 8.11
CA ILE B 154 11.11 14.80 8.26
C ILE B 154 11.09 13.47 8.99
N HIS B 155 11.81 12.49 8.47
CA HIS B 155 11.68 11.16 9.04
C HIS B 155 12.36 11.14 10.40
N ARG B 156 13.59 11.64 10.45
CA ARG B 156 14.36 11.72 11.69
C ARG B 156 14.94 10.39 12.14
N ASP B 157 14.72 9.34 11.36
CA ASP B 157 15.29 8.04 11.66
C ASP B 157 15.26 7.09 10.47
N LEU B 158 15.59 7.60 9.29
CA LEU B 158 15.77 6.69 8.17
C LEU B 158 16.89 5.74 8.55
N LYS B 159 16.77 4.50 8.10
CA LYS B 159 17.80 3.48 8.28
C LYS B 159 17.22 2.15 7.79
N SER B 160 18.05 1.15 7.58
CA SER B 160 17.56 -0.05 6.96
C SER B 160 16.45 -0.75 7.77
N ASN B 161 16.47 -0.63 9.09
CA ASN B 161 15.47 -1.33 9.92
C ASN B 161 14.07 -0.76 9.69
N ASN B 162 14.02 0.44 9.14
CA ASN B 162 12.78 1.13 8.90
C ASN B 162 12.40 1.10 7.44
N ILE B 163 13.15 0.37 6.64
CA ILE B 163 12.83 0.21 5.23
C ILE B 163 12.41 -1.22 5.00
N PHE B 164 11.11 -1.47 5.03
CA PHE B 164 10.59 -2.83 4.94
C PHE B 164 10.45 -3.17 3.47
N LEU B 165 10.77 -4.40 3.11
CA LEU B 165 10.88 -4.78 1.72
C LEU B 165 9.77 -5.78 1.43
N HIS B 166 8.61 -5.26 1.07
CA HIS B 166 7.39 -6.05 1.02
C HIS B 166 7.25 -6.89 -0.25
N GLU B 167 6.68 -8.09 -0.08
CA GLU B 167 6.69 -9.13 -1.13
C GLU B 167 8.02 -9.17 -1.85
N ASP B 168 9.06 -8.85 -1.09
CA ASP B 168 10.47 -8.84 -1.53
C ASP B 168 10.76 -8.01 -2.77
N LEU B 169 9.83 -7.14 -3.15
CA LEU B 169 10.10 -6.22 -4.27
C LEU B 169 9.80 -4.75 -4.03
N THR B 170 8.92 -4.44 -3.08
CA THR B 170 8.47 -3.07 -2.91
C THR B 170 8.96 -2.46 -1.60
N VAL B 171 9.31 -1.20 -1.61
CA VAL B 171 9.83 -0.58 -0.41
C VAL B 171 8.74 0.09 0.38
N LYS B 172 8.74 -0.11 1.69
CA LYS B 172 7.78 0.55 2.58
C LYS B 172 8.52 1.23 3.73
N ILE B 173 8.72 2.54 3.63
CA ILE B 173 9.38 3.27 4.71
C ILE B 173 8.39 3.44 5.85
N GLY B 174 8.81 3.09 7.06
CA GLY B 174 7.99 3.31 8.23
C GLY B 174 8.84 3.88 9.35
N ASP B 175 8.19 4.30 10.42
CA ASP B 175 8.84 4.52 11.71
C ASP B 175 9.45 5.88 11.82
N PHE B 176 8.70 6.84 11.29
CA PHE B 176 8.95 8.26 11.40
C PHE B 176 7.86 8.98 12.20
N GLY B 177 6.86 8.22 12.64
CA GLY B 177 5.76 8.81 13.39
C GLY B 177 6.15 9.14 14.82
N LEU B 178 5.24 9.77 15.55
CA LEU B 178 5.37 9.97 16.99
C LEU B 178 6.75 10.46 17.46
N ALA B 179 7.39 11.34 16.69
CA ALA B 179 8.67 11.89 17.13
C ALA B 179 8.40 12.94 18.21
N THR B 180 7.24 13.60 18.09
CA THR B 180 6.81 14.59 19.08
C THR B 180 6.41 13.89 20.37
N VAL B 181 5.66 12.81 20.23
CA VAL B 181 5.21 12.03 21.36
C VAL B 181 6.34 11.12 21.84
N LYS B 182 7.48 11.74 22.10
CA LYS B 182 8.71 11.04 22.43
C LYS B 182 9.59 12.11 23.04
N SER B 183 9.80 13.18 22.26
CA SER B 183 10.46 14.41 22.70
C SER B 183 9.63 15.13 23.74
N ARG B 184 8.67 14.42 24.33
CA ARG B 184 7.79 15.00 25.34
C ARG B 184 7.31 13.94 26.34
N TRP B 185 7.63 12.67 26.10
CA TRP B 185 7.21 11.61 27.03
C TRP B 185 8.39 10.90 27.69
N SER B 186 8.17 10.42 28.91
CA SER B 186 9.27 9.94 29.74
C SER B 186 9.58 8.46 29.52
N GLY B 187 10.87 8.14 29.56
CA GLY B 187 11.31 6.76 29.40
C GLY B 187 12.72 6.60 28.89
N SER B 188 13.20 5.36 28.93
CA SER B 188 14.50 5.00 28.40
C SER B 188 14.48 5.04 26.87
N HIS B 189 13.37 5.53 26.31
CA HIS B 189 13.02 5.24 24.92
C HIS B 189 13.54 6.24 23.90
N GLN B 190 13.79 7.48 24.32
CA GLN B 190 14.50 8.40 23.44
C GLN B 190 16.01 8.18 23.58
N PHE B 191 16.38 7.34 24.54
CA PHE B 191 17.78 6.99 24.75
C PHE B 191 18.09 5.75 23.92
N GLU B 192 17.14 4.83 23.84
CA GLU B 192 17.34 3.58 23.12
C GLU B 192 17.35 3.78 21.60
N GLN B 193 16.69 4.82 21.13
CA GLN B 193 16.70 5.11 19.70
C GLN B 193 17.84 6.04 19.36
N LEU B 194 18.06 7.06 20.19
CA LEU B 194 19.33 7.74 20.15
C LEU B 194 20.43 6.74 20.54
N SER B 195 20.44 5.57 19.93
CA SER B 195 21.40 4.54 20.33
C SER B 195 21.38 3.43 19.31
N GLY B 196 20.25 3.31 18.63
CA GLY B 196 20.07 2.19 17.73
C GLY B 196 20.30 2.73 16.34
N SER B 197 20.74 3.97 16.27
CA SER B 197 20.86 4.62 14.99
C SER B 197 21.87 5.76 14.95
N ILE B 198 23.00 5.58 15.63
CA ILE B 198 24.03 6.60 15.57
C ILE B 198 24.78 6.48 14.26
N LEU B 199 24.69 5.31 13.62
CA LEU B 199 25.34 5.10 12.32
C LEU B 199 24.70 5.92 11.20
N TRP B 200 23.46 6.36 11.38
CA TRP B 200 22.74 7.07 10.31
C TRP B 200 22.61 8.55 10.61
N MET B 201 23.10 8.96 11.77
CA MET B 201 23.03 10.36 12.15
C MET B 201 24.07 11.14 11.40
N ALA B 202 23.64 12.24 10.79
CA ALA B 202 24.57 13.21 10.24
C ALA B 202 25.31 13.87 11.39
N PRO B 203 26.52 14.39 11.11
CA PRO B 203 27.33 15.06 12.13
C PRO B 203 26.54 16.10 12.93
N GLU B 204 25.76 16.93 12.21
CA GLU B 204 25.06 18.04 12.84
C GLU B 204 24.10 17.53 13.88
N VAL B 205 23.66 16.29 13.67
CA VAL B 205 22.74 15.63 14.58
C VAL B 205 23.53 15.03 15.73
N ILE B 206 24.54 14.21 15.41
CA ILE B 206 25.32 13.53 16.43
C ILE B 206 25.80 14.48 17.51
N ARG B 207 26.51 15.53 17.10
CA ARG B 207 26.96 16.51 18.07
C ARG B 207 25.80 17.41 18.46
N MET B 208 24.94 16.92 19.34
CA MET B 208 23.68 17.61 19.63
C MET B 208 23.92 19.09 19.89
N GLN B 209 23.97 19.86 18.81
CA GLN B 209 24.52 21.21 18.84
C GLN B 209 23.46 22.24 19.15
N ASP B 210 22.30 22.14 18.50
CA ASP B 210 21.14 22.97 18.86
C ASP B 210 19.83 22.19 18.99
N LYS B 211 18.74 22.94 19.12
CA LYS B 211 17.40 22.36 19.39
C LYS B 211 16.93 21.41 18.28
N ASN B 212 17.03 21.86 17.04
CA ASN B 212 16.61 21.05 15.90
C ASN B 212 17.70 20.93 14.84
N PRO B 213 18.56 19.92 15.00
CA PRO B 213 19.56 19.49 14.01
C PRO B 213 18.91 18.76 12.83
N TYR B 214 17.63 18.43 12.96
CA TYR B 214 16.91 17.60 12.00
C TYR B 214 16.35 18.40 10.83
N SER B 215 16.60 17.91 9.62
CA SER B 215 16.36 18.71 8.45
C SER B 215 16.30 17.75 7.30
N PHE B 216 15.72 18.19 6.18
CA PHE B 216 15.70 17.35 4.99
C PHE B 216 17.06 16.75 4.76
N GLN B 217 18.10 17.54 5.02
CA GLN B 217 19.45 17.09 4.74
C GLN B 217 19.99 16.13 5.78
N SER B 218 19.48 16.21 7.00
CA SER B 218 19.83 15.24 8.03
C SER B 218 19.25 13.87 7.62
N ASP B 219 18.15 13.90 6.88
CA ASP B 219 17.56 12.70 6.29
C ASP B 219 18.40 12.24 5.12
N VAL B 220 18.80 13.19 4.28
CA VAL B 220 19.59 12.87 3.10
C VAL B 220 20.88 12.17 3.50
N TYR B 221 21.41 12.52 4.67
CA TYR B 221 22.63 11.88 5.17
C TYR B 221 22.33 10.45 5.56
N ALA B 222 21.24 10.26 6.30
CA ALA B 222 20.82 8.91 6.67
C ALA B 222 20.58 8.09 5.40
N PHE B 223 19.94 8.71 4.40
CA PHE B 223 19.75 8.05 3.12
C PHE B 223 21.12 7.60 2.62
N GLY B 224 22.10 8.48 2.78
CA GLY B 224 23.43 8.23 2.27
C GLY B 224 24.09 7.04 2.95
N ILE B 225 23.79 6.82 4.23
CA ILE B 225 24.31 5.64 4.90
C ILE B 225 23.65 4.36 4.37
N VAL B 226 22.34 4.38 4.16
CA VAL B 226 21.69 3.17 3.66
C VAL B 226 22.15 2.92 2.23
N LEU B 227 22.59 3.97 1.53
CA LEU B 227 23.23 3.77 0.22
C LEU B 227 24.52 3.00 0.41
N TYR B 228 25.27 3.36 1.44
CA TYR B 228 26.51 2.67 1.74
C TYR B 228 26.18 1.24 2.12
N GLU B 229 25.09 1.03 2.84
CA GLU B 229 24.66 -0.32 3.21
C GLU B 229 24.41 -1.16 1.96
N LEU B 230 23.65 -0.61 1.02
CA LEU B 230 23.28 -1.33 -0.19
C LEU B 230 24.51 -1.70 -1.00
N MET B 231 25.45 -0.76 -1.08
CA MET B 231 26.55 -0.91 -2.01
C MET B 231 27.74 -1.67 -1.42
N THR B 232 27.91 -1.58 -0.10
CA THR B 232 29.04 -2.23 0.56
C THR B 232 28.55 -3.52 1.16
N GLY B 233 27.25 -3.60 1.40
CA GLY B 233 26.71 -4.77 2.04
C GLY B 233 26.93 -4.76 3.54
N GLN B 234 27.73 -3.80 4.01
CA GLN B 234 28.08 -3.70 5.42
C GLN B 234 27.45 -2.49 6.13
N LEU B 235 27.53 -2.46 7.46
CA LEU B 235 27.32 -1.20 8.18
C LEU B 235 28.62 -0.42 8.27
N PRO B 236 28.53 0.91 8.39
CA PRO B 236 29.73 1.74 8.48
C PRO B 236 30.53 1.44 9.73
N TYR B 237 31.83 1.75 9.66
CA TYR B 237 32.74 1.72 10.81
C TYR B 237 32.72 0.38 11.53
N SER B 238 32.63 -0.70 10.76
CA SER B 238 32.64 -2.05 11.33
C SER B 238 33.88 -2.40 12.13
N ASN B 239 34.95 -1.63 11.96
CA ASN B 239 36.25 -1.98 12.53
C ASN B 239 36.58 -1.14 13.75
N ILE B 240 35.66 -0.27 14.16
CA ILE B 240 35.80 0.48 15.41
C ILE B 240 34.83 -0.06 16.43
N ASN B 241 35.33 -0.65 17.50
CA ASN B 241 34.47 -1.42 18.42
C ASN B 241 33.97 -0.64 19.61
N ASN B 242 34.31 0.63 19.70
CA ASN B 242 33.90 1.43 20.83
C ASN B 242 32.97 2.55 20.40
N ARG B 243 31.70 2.41 20.73
CA ARG B 243 30.66 3.25 20.15
C ARG B 243 30.78 4.71 20.52
N ASP B 244 31.45 5.01 21.62
CA ASP B 244 31.60 6.39 22.02
C ASP B 244 32.58 7.10 21.12
N GLN B 245 33.70 6.46 20.82
CA GLN B 245 34.66 7.05 19.94
C GLN B 245 33.97 7.37 18.62
N ILE B 246 33.07 6.50 18.17
CA ILE B 246 32.40 6.71 16.89
C ILE B 246 31.62 8.00 17.00
N ILE B 247 30.81 8.10 18.05
CA ILE B 247 30.00 9.30 18.27
C ILE B 247 30.90 10.53 18.25
N PHE B 248 32.01 10.46 18.97
CA PHE B 248 32.93 11.59 19.05
C PHE B 248 33.56 11.94 17.70
N MET B 249 34.15 10.96 17.04
CA MET B 249 34.84 11.17 15.77
C MET B 249 33.92 11.65 14.67
N VAL B 250 32.75 11.02 14.54
CA VAL B 250 31.85 11.31 13.42
C VAL B 250 31.33 12.73 13.55
N GLY B 251 31.23 13.20 14.79
CA GLY B 251 30.69 14.50 15.03
C GLY B 251 31.70 15.59 14.74
N ARG B 252 32.96 15.23 14.84
CA ARG B 252 34.05 16.14 14.55
C ARG B 252 34.58 15.94 13.13
N GLY B 253 33.94 15.07 12.36
CA GLY B 253 34.33 14.91 10.98
C GLY B 253 35.73 14.33 10.82
N TYR B 254 36.19 13.66 11.88
CA TYR B 254 37.43 12.87 11.83
C TYR B 254 37.11 11.53 11.22
N LEU B 255 35.86 11.11 11.36
CA LEU B 255 35.45 9.79 10.88
C LEU B 255 34.44 9.95 9.78
N SER B 256 34.49 9.06 8.80
CA SER B 256 33.42 9.00 7.81
C SER B 256 33.45 7.70 7.01
N PRO B 257 32.27 7.27 6.51
CA PRO B 257 32.20 5.96 5.83
C PRO B 257 33.31 5.78 4.79
N ASP B 258 33.94 4.61 4.82
CA ASP B 258 35.00 4.32 3.87
C ASP B 258 34.44 3.90 2.51
N LEU B 259 34.22 4.89 1.65
CA LEU B 259 33.51 4.65 0.40
C LEU B 259 34.23 3.69 -0.55
N SER B 260 35.43 3.25 -0.17
CA SER B 260 36.19 2.31 -1.00
C SER B 260 35.79 0.84 -0.76
N LYS B 261 34.55 0.63 -0.34
CA LYS B 261 34.06 -0.73 -0.15
C LYS B 261 32.80 -0.93 -0.98
N VAL B 262 32.43 0.10 -1.74
CA VAL B 262 31.34 -0.05 -2.69
C VAL B 262 31.77 -1.18 -3.62
N ARG B 263 30.97 -2.23 -3.68
CA ARG B 263 31.40 -3.42 -4.42
C ARG B 263 31.64 -3.02 -5.88
N SER B 264 32.52 -3.76 -6.54
CA SER B 264 33.04 -3.40 -7.85
C SER B 264 31.98 -2.87 -8.83
N ASN B 265 30.85 -3.56 -8.88
CA ASN B 265 29.79 -3.31 -9.86
C ASN B 265 28.89 -2.14 -9.51
N CYS B 266 29.34 -1.33 -8.55
CA CYS B 266 28.62 -0.12 -8.19
C CYS B 266 28.96 0.97 -9.18
N PRO B 267 27.96 1.46 -9.92
CA PRO B 267 28.16 2.58 -10.84
C PRO B 267 28.88 3.77 -10.19
N LYS B 268 29.84 4.35 -10.90
CA LYS B 268 30.59 5.45 -10.34
C LYS B 268 29.64 6.59 -10.03
N ALA B 269 28.61 6.75 -10.86
CA ALA B 269 27.65 7.81 -10.67
C ALA B 269 26.90 7.62 -9.36
N MET B 270 26.82 6.36 -8.92
CA MET B 270 26.23 6.04 -7.62
C MET B 270 27.21 6.40 -6.51
N LYS B 271 28.43 5.91 -6.62
CA LYS B 271 29.46 6.15 -5.62
C LYS B 271 29.67 7.64 -5.40
N ARG B 272 29.51 8.42 -6.47
CA ARG B 272 29.64 9.88 -6.39
C ARG B 272 28.45 10.49 -5.65
N LEU B 273 27.25 9.97 -5.94
CA LEU B 273 26.04 10.42 -5.31
C LEU B 273 26.05 10.04 -3.84
N MET B 274 26.57 8.85 -3.56
CA MET B 274 26.67 8.37 -2.20
C MET B 274 27.45 9.41 -1.40
N ALA B 275 28.61 9.79 -1.96
CA ALA B 275 29.49 10.77 -1.33
C ALA B 275 28.85 12.15 -1.21
N GLU B 276 28.01 12.49 -2.19
CA GLU B 276 27.31 13.76 -2.17
C GLU B 276 26.27 13.83 -1.04
N CYS B 277 25.69 12.69 -0.70
CA CYS B 277 24.64 12.68 0.32
C CYS B 277 25.29 12.67 1.67
N LEU B 278 26.55 12.27 1.70
CA LEU B 278 27.26 12.11 2.96
C LEU B 278 28.11 13.34 3.38
N LYS B 279 28.10 14.40 2.58
CA LYS B 279 28.89 15.60 2.87
C LYS B 279 28.81 15.99 4.33
N LYS B 280 29.96 16.28 4.95
CA LYS B 280 30.00 16.56 6.38
C LYS B 280 29.31 17.88 6.68
N LYS B 281 29.36 18.77 5.70
CA LYS B 281 28.65 20.05 5.78
C LYS B 281 27.25 19.87 5.20
N ARG B 282 26.23 19.99 6.06
CA ARG B 282 24.87 19.63 5.69
C ARG B 282 24.30 20.40 4.49
N ASP B 283 24.87 21.56 4.20
CA ASP B 283 24.35 22.43 3.14
C ASP B 283 24.87 22.00 1.78
N GLU B 284 25.83 21.09 1.78
CA GLU B 284 26.39 20.61 0.54
C GLU B 284 25.67 19.36 0.05
N ARG B 285 24.67 18.93 0.81
CA ARG B 285 23.94 17.71 0.48
C ARG B 285 22.79 18.00 -0.47
N PRO B 286 22.63 17.20 -1.52
CA PRO B 286 21.49 17.35 -2.41
C PRO B 286 20.17 17.07 -1.69
N LEU B 287 19.07 17.58 -2.23
CA LEU B 287 17.75 17.21 -1.75
C LEU B 287 17.21 16.08 -2.63
N PHE B 288 16.07 15.53 -2.26
CA PHE B 288 15.67 14.26 -2.82
C PHE B 288 15.22 14.27 -4.27
N PRO B 289 14.56 15.36 -4.71
CA PRO B 289 14.24 15.47 -6.14
C PRO B 289 15.47 15.28 -7.02
N GLN B 290 16.57 15.90 -6.62
CA GLN B 290 17.80 15.78 -7.39
C GLN B 290 18.44 14.42 -7.16
N ILE B 291 18.33 13.91 -5.93
CA ILE B 291 18.86 12.60 -5.60
C ILE B 291 18.14 11.58 -6.45
N LEU B 292 16.83 11.77 -6.57
CA LEU B 292 16.00 10.84 -7.29
C LEU B 292 16.39 10.86 -8.77
N ALA B 293 16.60 12.07 -9.28
CA ALA B 293 16.99 12.29 -10.68
C ALA B 293 18.26 11.53 -11.05
N SER B 294 19.28 11.65 -10.21
CA SER B 294 20.55 11.00 -10.46
C SER B 294 20.41 9.49 -10.40
N ILE B 295 19.58 8.99 -9.50
CA ILE B 295 19.42 7.55 -9.39
C ILE B 295 18.68 7.03 -10.61
N GLU B 296 17.65 7.76 -11.04
CA GLU B 296 16.87 7.36 -12.19
C GLU B 296 17.72 7.37 -13.44
N LEU B 297 18.65 8.32 -13.52
CA LEU B 297 19.53 8.37 -14.68
C LEU B 297 20.51 7.20 -14.69
N LEU B 298 21.26 7.04 -13.61
CA LEU B 298 22.28 6.01 -13.55
C LEU B 298 21.63 4.64 -13.58
N ALA B 299 20.31 4.61 -13.56
CA ALA B 299 19.56 3.36 -13.51
C ALA B 299 19.27 2.89 -14.93
N ARG B 300 18.85 3.82 -15.77
CA ARG B 300 18.56 3.55 -17.16
C ARG B 300 19.85 3.43 -17.97
N SER B 301 20.96 3.80 -17.36
CA SER B 301 22.25 3.75 -18.02
C SER B 301 23.01 2.47 -17.71
N LEU B 302 22.31 1.43 -17.24
CA LEU B 302 22.98 0.31 -16.60
C LEU B 302 22.82 -1.06 -17.27
N PRO B 303 21.57 -1.48 -17.54
CA PRO B 303 21.23 -2.86 -17.95
C PRO B 303 21.93 -3.37 -19.22
N LYS B 304 22.43 -2.43 -20.03
CA LYS B 304 23.10 -2.75 -21.30
C LYS B 304 24.62 -2.91 -21.10
#